data_6NUH
#
_entry.id   6NUH
#
_cell.length_a   47.543
_cell.length_b   44.129
_cell.length_c   55.093
_cell.angle_alpha   90.00
_cell.angle_beta   102.34
_cell.angle_gamma   90.00
#
_symmetry.space_group_name_H-M   'P 1 21 1'
#
loop_
_entity.id
_entity.type
_entity.pdbx_description
1 polymer 'SOS response-associated peptidase YedK'
2 polymer "DNA (5'-D(*GP*TP*CP*(PDI)P*GP*GP*A)-3')"
3 non-polymer 2-[BIS-(2-HYDROXY-ETHYL)-AMINO]-2-HYDROXYMETHYL-PROPANE-1,3-DIOL
4 water water
#
loop_
_entity_poly.entity_id
_entity_poly.type
_entity_poly.pdbx_seq_one_letter_code
_entity_poly.pdbx_strand_id
1 'polypeptide(L)'
;CGRFAQSQTREDYLALLAEDIERDIPYDPEPIGRYNVAPGTKVLLLSERDEHLHLDPVFWGYAPGWWDKPPLINARVETA
ATSRMFKPLWQHGRAICFADGWFEWKKEGDKKQPFFIYRADGQPIFMAAIGSTPFERGDEAEGFLIVTAAADQGLVDIHD
RRPLVLSPEAAREWMRQEISGKEASEIAASGCVPANQFSWHPVSRAVGNVKNQGAELIQPVLEVLF
;
A
2 'polydeoxyribonucleotide' (DG)(DT)(DC)(PDI)(DG)(DG)(DA) C
#
loop_
_chem_comp.id
_chem_comp.type
_chem_comp.name
_chem_comp.formula
BTB non-polymer 2-[BIS-(2-HYDROXY-ETHYL)-AMINO]-2-HYDROXYMETHYL-PROPANE-1,3-DIOL 'C8 H19 N O5'
DA DNA linking 2'-DEOXYADENOSINE-5'-MONOPHOSPHATE 'C10 H14 N5 O6 P'
DC DNA linking 2'-DEOXYCYTIDINE-5'-MONOPHOSPHATE 'C9 H14 N3 O7 P'
DG DNA linking 2'-DEOXYGUANOSINE-5'-MONOPHOSPHATE 'C10 H14 N5 O7 P'
DT DNA linking THYMIDINE-5'-MONOPHOSPHATE 'C10 H15 N2 O8 P'
PDI non-polymer 'PHOSPHORIC ACID MONO-(3-HYDROXY-PROPYL) ESTER' 'C3 H9 O5 P'
#
# COMPACT_ATOMS: atom_id res chain seq x y z
N CYS A 1 -9.05 2.23 0.26
CA CYS A 1 -7.70 1.86 -0.17
C CYS A 1 -7.07 2.97 -0.99
N GLY A 2 -7.38 4.21 -0.63
CA GLY A 2 -7.00 5.35 -1.43
C GLY A 2 -6.25 6.42 -0.68
N ARG A 3 -5.77 6.09 0.52
CA ARG A 3 -5.00 7.01 1.35
C ARG A 3 -4.34 6.19 2.45
N PHE A 4 -3.10 6.53 2.79
CA PHE A 4 -2.43 5.82 3.88
C PHE A 4 -1.34 6.69 4.47
N ALA A 5 -0.74 6.20 5.56
CA ALA A 5 0.32 6.90 6.25
C ALA A 5 1.62 6.16 6.06
N GLN A 6 2.68 6.90 5.75
CA GLN A 6 4.03 6.34 5.62
C GLN A 6 4.95 7.35 6.28
N SER A 7 5.06 7.27 7.59
CA SER A 7 5.60 8.39 8.36
C SER A 7 6.94 8.13 9.04
N GLN A 8 7.34 6.87 9.19
CA GLN A 8 8.49 6.54 10.01
C GLN A 8 9.77 6.49 9.18
N THR A 9 10.89 6.09 9.79
CA THR A 9 12.14 6.01 9.04
C THR A 9 12.13 4.80 8.13
N ARG A 10 12.98 4.85 7.09
CA ARG A 10 13.12 3.68 6.24
C ARG A 10 13.50 2.45 7.06
N GLU A 11 14.40 2.59 8.03
CA GLU A 11 14.83 1.42 8.80
C GLU A 11 13.68 0.82 9.61
N ASP A 12 12.78 1.67 10.11
CA ASP A 12 11.64 1.16 10.87
C ASP A 12 10.82 0.16 10.05
N TYR A 13 10.74 0.34 8.73
CA TYR A 13 10.03 -0.60 7.88
C TYR A 13 10.96 -1.71 7.38
N LEU A 14 12.15 -1.34 6.94
CA LEU A 14 13.00 -2.29 6.25
C LEU A 14 13.54 -3.35 7.20
N ALA A 15 13.71 -3.00 8.47
CA ALA A 15 14.30 -3.96 9.42
C ALA A 15 13.47 -5.22 9.55
N LEU A 16 12.17 -5.15 9.26
CA LEU A 16 11.33 -6.34 9.35
C LEU A 16 11.45 -7.23 8.12
N LEU A 17 12.11 -6.76 7.06
CA LEU A 17 12.15 -7.46 5.79
C LEU A 17 13.53 -7.99 5.41
N ALA A 18 14.59 -7.21 5.60
CA ALA A 18 15.91 -7.63 5.11
C ALA A 18 17.01 -6.80 5.77
N GLU A 19 18.15 -7.45 6.01
CA GLU A 19 19.34 -6.76 6.51
C GLU A 19 20.04 -6.07 5.35
N ASP A 20 21.02 -5.21 5.70
CA ASP A 20 21.68 -4.38 4.69
C ASP A 20 22.25 -5.18 3.51
N ILE A 21 22.80 -6.38 3.76
CA ILE A 21 23.42 -7.15 2.69
C ILE A 21 22.45 -7.47 1.57
N GLU A 22 21.15 -7.43 1.84
CA GLU A 22 20.14 -7.70 0.81
C GLU A 22 19.62 -6.43 0.16
N ARG A 23 20.08 -5.26 0.60
CA ARG A 23 19.52 -4.00 0.17
C ARG A 23 20.48 -3.29 -0.77
N ASP A 24 19.90 -2.39 -1.56
CA ASP A 24 20.66 -1.41 -2.34
C ASP A 24 19.92 -0.09 -2.15
N ILE A 25 19.84 0.34 -0.89
CA ILE A 25 19.07 1.47 -0.40
C ILE A 25 19.96 2.25 0.56
N PRO A 26 20.37 3.46 0.22
CA PRO A 26 21.19 4.25 1.15
C PRO A 26 20.52 4.46 2.50
N TYR A 27 21.36 4.44 3.53
CA TYR A 27 20.94 4.81 4.88
C TYR A 27 20.48 6.24 4.91
N ASP A 28 19.36 6.48 5.59
CA ASP A 28 18.81 7.82 5.71
C ASP A 28 18.00 7.84 7.00
N PRO A 29 18.44 8.60 8.01
CA PRO A 29 17.75 8.61 9.30
C PRO A 29 16.47 9.46 9.34
N GLU A 30 16.14 10.19 8.29
CA GLU A 30 15.02 11.13 8.40
C GLU A 30 13.70 10.39 8.29
N PRO A 31 12.77 10.59 9.21
CA PRO A 31 11.43 10.03 9.02
C PRO A 31 10.83 10.48 7.70
N ILE A 32 10.12 9.57 7.04
CA ILE A 32 9.49 9.92 5.77
C ILE A 32 8.45 11.01 5.99
N GLY A 33 7.77 10.96 7.12
CA GLY A 33 6.96 12.06 7.59
C GLY A 33 5.63 12.29 6.89
N ARG A 34 5.14 11.35 6.09
CA ARG A 34 3.91 11.55 5.31
C ARG A 34 2.77 10.83 5.98
N TYR A 35 1.97 11.54 6.79
CA TYR A 35 0.82 10.89 7.40
C TYR A 35 -0.40 10.84 6.48
N ASN A 36 -0.31 11.34 5.25
CA ASN A 36 -1.51 11.48 4.40
C ASN A 36 -1.09 11.34 2.93
N VAL A 37 -0.68 10.11 2.59
CA VAL A 37 -0.18 9.78 1.25
C VAL A 37 -1.37 9.61 0.30
N ALA A 38 -1.34 10.32 -0.82
CA ALA A 38 -2.45 10.34 -1.75
C ALA A 38 -2.09 9.85 -3.15
N PRO A 39 -3.07 9.32 -3.89
CA PRO A 39 -2.84 8.97 -5.30
C PRO A 39 -2.34 10.15 -6.10
N GLY A 40 -1.54 9.83 -7.13
CA GLY A 40 -0.99 10.83 -7.99
C GLY A 40 0.32 11.39 -7.51
N THR A 41 0.67 11.17 -6.25
CA THR A 41 1.98 11.53 -5.75
C THR A 41 2.92 10.36 -5.96
N LYS A 42 4.19 10.67 -5.98
CA LYS A 42 5.19 9.62 -5.93
C LYS A 42 5.35 9.14 -4.49
N VAL A 43 5.43 7.82 -4.35
CA VAL A 43 5.51 7.15 -3.07
C VAL A 43 6.74 6.25 -3.07
N LEU A 44 7.49 6.26 -1.99
CA LEU A 44 8.59 5.32 -1.86
C LEU A 44 8.06 3.89 -1.90
N LEU A 45 8.48 3.15 -2.92
CA LEU A 45 7.99 1.82 -3.26
C LEU A 45 9.15 0.84 -3.23
N LEU A 46 8.95 -0.31 -2.60
CA LEU A 46 9.98 -1.31 -2.43
C LEU A 46 9.84 -2.43 -3.47
N SER A 47 10.95 -2.79 -4.10
CA SER A 47 10.95 -3.88 -5.07
C SER A 47 12.33 -4.52 -5.13
N GLU A 48 12.41 -5.63 -5.85
CA GLU A 48 13.66 -6.38 -5.99
C GLU A 48 14.10 -6.37 -7.44
N ARG A 49 15.35 -5.93 -7.65
CA ARG A 49 16.01 -6.11 -8.92
C ARG A 49 17.50 -6.31 -8.65
N ASP A 50 18.18 -6.99 -9.56
CA ASP A 50 19.62 -7.27 -9.38
CA ASP A 50 19.61 -7.28 -9.39
C ASP A 50 19.88 -7.92 -8.03
N GLU A 51 18.94 -8.78 -7.59
CA GLU A 51 19.00 -9.59 -6.36
C GLU A 51 19.11 -8.74 -5.10
N HIS A 52 18.67 -7.49 -5.16
CA HIS A 52 18.66 -6.62 -3.99
C HIS A 52 17.36 -5.85 -3.93
N LEU A 53 17.03 -5.40 -2.72
CA LEU A 53 15.86 -4.54 -2.54
C LEU A 53 16.21 -3.10 -2.83
N HIS A 54 15.33 -2.47 -3.59
CA HIS A 54 15.45 -1.09 -4.01
C HIS A 54 14.23 -0.31 -3.56
N LEU A 55 14.43 0.96 -3.28
CA LEU A 55 13.36 1.84 -2.85
C LEU A 55 13.35 3.01 -3.81
N ASP A 56 12.27 3.13 -4.59
CA ASP A 56 12.17 4.11 -5.66
C ASP A 56 10.93 4.96 -5.43
N PRO A 57 10.99 6.28 -5.70
CA PRO A 57 9.76 7.09 -5.66
C PRO A 57 8.94 6.83 -6.90
N VAL A 58 7.77 6.23 -6.73
CA VAL A 58 6.96 5.78 -7.86
C VAL A 58 5.57 6.40 -7.78
N PHE A 59 5.13 6.90 -8.91
CA PHE A 59 3.78 7.45 -9.07
C PHE A 59 2.72 6.44 -8.64
N TRP A 60 1.83 6.87 -7.75
CA TRP A 60 0.71 6.02 -7.32
C TRP A 60 -0.43 6.25 -8.31
N GLY A 61 -0.58 5.34 -9.24
CA GLY A 61 -1.57 5.41 -10.29
C GLY A 61 -1.08 4.69 -11.51
N TYR A 62 -2.02 4.27 -12.35
CA TYR A 62 -1.67 3.51 -13.56
C TYR A 62 -2.66 3.88 -14.66
N ALA A 63 -2.13 4.50 -15.70
CA ALA A 63 -2.92 4.96 -16.85
C ALA A 63 -2.08 4.81 -18.11
N PRO A 64 -2.15 3.65 -18.75
CA PRO A 64 -1.50 3.50 -20.06
C PRO A 64 -2.03 4.49 -21.07
N GLY A 65 -1.33 4.55 -22.20
CA GLY A 65 -1.69 5.49 -23.23
C GLY A 65 -3.07 5.23 -23.80
N TRP A 66 -3.51 3.97 -23.78
CA TRP A 66 -4.82 3.57 -24.31
C TRP A 66 -5.93 3.71 -23.28
N TRP A 67 -5.62 4.07 -22.04
CA TRP A 67 -6.59 4.28 -20.98
C TRP A 67 -7.09 5.72 -21.02
N ASP A 68 -8.40 5.91 -20.94
CA ASP A 68 -9.01 7.23 -21.11
C ASP A 68 -9.56 7.83 -19.82
N LYS A 69 -9.63 7.08 -18.75
CA LYS A 69 -10.16 7.53 -17.48
C LYS A 69 -9.02 7.99 -16.58
N PRO A 70 -9.32 8.57 -15.43
CA PRO A 70 -8.27 8.90 -14.49
C PRO A 70 -7.51 7.64 -14.13
N PRO A 71 -6.26 7.77 -13.67
CA PRO A 71 -5.46 6.57 -13.41
C PRO A 71 -6.12 5.67 -12.39
N LEU A 72 -6.02 4.37 -12.61
CA LEU A 72 -6.40 3.41 -11.59
C LEU A 72 -5.40 3.43 -10.44
N ILE A 73 -5.89 3.19 -9.23
CA ILE A 73 -5.04 3.18 -8.05
C ILE A 73 -5.05 1.85 -7.32
N ASN A 74 -6.03 0.98 -7.61
CA ASN A 74 -6.17 -0.35 -7.00
C ASN A 74 -6.34 -1.39 -8.10
N ALA A 75 -5.94 -2.63 -7.79
CA ALA A 75 -6.18 -3.78 -8.64
C ALA A 75 -6.73 -4.89 -7.76
N ARG A 76 -7.85 -5.48 -8.17
CA ARG A 76 -8.53 -6.47 -7.34
C ARG A 76 -7.81 -7.81 -7.39
N VAL A 77 -7.49 -8.36 -6.21
CA VAL A 77 -6.76 -9.62 -6.18
C VAL A 77 -7.57 -10.74 -6.82
N GLU A 78 -8.91 -10.61 -6.85
CA GLU A 78 -9.75 -11.65 -7.42
C GLU A 78 -9.40 -11.93 -8.86
N THR A 79 -8.95 -10.90 -9.58
CA THR A 79 -8.82 -10.99 -11.02
C THR A 79 -7.51 -10.46 -11.58
N ALA A 80 -6.65 -9.81 -10.79
CA ALA A 80 -5.52 -9.10 -11.37
C ALA A 80 -4.56 -10.05 -12.08
N ALA A 81 -4.40 -11.28 -11.58
CA ALA A 81 -3.36 -12.12 -12.14
C ALA A 81 -3.68 -12.55 -13.56
N THR A 82 -4.96 -12.60 -13.90
CA THR A 82 -5.42 -13.05 -15.22
C THR A 82 -5.96 -11.92 -16.08
N SER A 83 -6.10 -10.71 -15.53
CA SER A 83 -6.60 -9.54 -16.23
C SER A 83 -5.72 -9.21 -17.43
N ARG A 84 -6.35 -8.87 -18.56
CA ARG A 84 -5.55 -8.44 -19.70
C ARG A 84 -4.72 -7.21 -19.35
N MET A 85 -5.25 -6.34 -18.51
CA MET A 85 -4.54 -5.11 -18.14
C MET A 85 -3.43 -5.38 -17.12
N PHE A 86 -3.68 -6.23 -16.12
CA PHE A 86 -2.78 -6.34 -14.99
C PHE A 86 -1.90 -7.59 -15.00
N LYS A 87 -2.18 -8.59 -15.84
CA LYS A 87 -1.37 -9.81 -15.80
C LYS A 87 0.12 -9.54 -15.95
N PRO A 88 0.59 -8.69 -16.87
CA PRO A 88 2.04 -8.48 -16.95
C PRO A 88 2.61 -7.83 -15.71
N LEU A 89 1.83 -6.95 -15.06
CA LEU A 89 2.30 -6.32 -13.84
C LEU A 89 2.36 -7.33 -12.70
N TRP A 90 1.38 -8.27 -12.66
CA TRP A 90 1.39 -9.34 -11.67
C TRP A 90 2.59 -10.24 -11.85
N GLN A 91 3.01 -10.46 -13.10
CA GLN A 91 4.14 -11.34 -13.39
C GLN A 91 5.48 -10.68 -13.09
N HIS A 92 5.65 -9.43 -13.53
CA HIS A 92 6.96 -8.79 -13.56
C HIS A 92 7.07 -7.53 -12.74
N GLY A 93 5.95 -6.95 -12.31
CA GLY A 93 5.96 -5.66 -11.67
C GLY A 93 5.51 -5.71 -10.23
N ARG A 94 5.69 -6.84 -9.55
CA ARG A 94 5.31 -6.90 -8.15
C ARG A 94 6.25 -6.03 -7.29
N ALA A 95 5.67 -5.47 -6.22
CA ALA A 95 6.35 -4.54 -5.33
C ALA A 95 5.60 -4.55 -4.00
N ILE A 96 6.18 -3.85 -3.02
CA ILE A 96 5.61 -3.69 -1.68
C ILE A 96 5.58 -2.21 -1.37
N CYS A 97 4.46 -1.74 -0.84
CA CYS A 97 4.35 -0.40 -0.32
C CYS A 97 4.15 -0.52 1.18
N PHE A 98 5.17 -0.14 1.95
CA PHE A 98 5.03 -0.21 3.40
C PHE A 98 4.35 1.06 3.94
N ALA A 99 3.73 0.92 5.10
CA ALA A 99 2.88 1.97 5.65
C ALA A 99 2.67 1.69 7.13
N ASP A 100 2.20 2.73 7.84
CA ASP A 100 1.81 2.58 9.24
C ASP A 100 0.40 2.05 9.40
N GLY A 101 -0.43 2.25 8.39
CA GLY A 101 -1.85 1.99 8.42
C GLY A 101 -2.46 2.74 7.25
N TRP A 102 -3.76 2.58 7.08
CA TRP A 102 -4.43 3.26 5.98
C TRP A 102 -5.75 3.88 6.47
N PHE A 103 -6.31 4.74 5.62
CA PHE A 103 -7.54 5.45 5.93
C PHE A 103 -8.67 4.95 5.04
N GLU A 104 -9.87 4.90 5.61
CA GLU A 104 -11.12 4.63 4.90
C GLU A 104 -12.17 5.58 5.46
N TRP A 105 -13.10 6.00 4.60
CA TRP A 105 -14.17 6.88 5.02
C TRP A 105 -15.46 6.08 5.11
N LYS A 106 -16.09 6.12 6.28
CA LYS A 106 -17.38 5.50 6.50
C LYS A 106 -18.50 6.47 6.16
N LYS A 107 -19.41 6.04 5.28
CA LYS A 107 -20.61 6.83 5.01
C LYS A 107 -21.50 6.83 6.24
N GLU A 108 -21.86 8.03 6.71
CA GLU A 108 -22.76 8.20 7.85
C GLU A 108 -23.81 9.22 7.44
N GLY A 109 -24.71 8.80 6.58
CA GLY A 109 -25.70 9.70 6.02
C GLY A 109 -25.15 10.34 4.76
N ASP A 110 -25.25 11.65 4.68
CA ASP A 110 -24.61 12.40 3.61
C ASP A 110 -23.19 12.82 3.97
N LYS A 111 -22.71 12.51 5.17
CA LYS A 111 -21.34 12.80 5.56
C LYS A 111 -20.48 11.55 5.49
N LYS A 112 -19.17 11.76 5.63
CA LYS A 112 -18.20 10.69 5.52
C LYS A 112 -17.20 10.88 6.65
N GLN A 113 -17.04 9.86 7.49
CA GLN A 113 -16.18 9.93 8.65
C GLN A 113 -14.90 9.12 8.39
N PRO A 114 -13.71 9.74 8.40
CA PRO A 114 -12.47 8.97 8.21
C PRO A 114 -12.13 8.14 9.42
N PHE A 115 -11.60 6.96 9.15
CA PHE A 115 -11.03 6.05 10.12
C PHE A 115 -9.59 5.76 9.74
N PHE A 116 -8.74 5.55 10.75
CA PHE A 116 -7.40 5.03 10.54
C PHE A 116 -7.38 3.58 11.00
N ILE A 117 -6.84 2.73 10.14
CA ILE A 117 -6.83 1.28 10.33
C ILE A 117 -5.36 0.82 10.37
N TYR A 118 -5.00 0.02 11.37
CA TYR A 118 -3.61 -0.35 11.61
C TYR A 118 -3.56 -1.72 12.27
N ARG A 119 -2.37 -2.31 12.33
CA ARG A 119 -2.23 -3.60 12.98
C ARG A 119 -2.30 -3.47 14.50
N ALA A 120 -3.17 -4.27 15.11
CA ALA A 120 -3.28 -4.32 16.57
C ALA A 120 -1.95 -4.67 17.23
N ASP A 121 -1.13 -5.50 16.57
CA ASP A 121 0.15 -5.89 17.15
C ASP A 121 1.26 -4.86 16.93
N GLY A 122 0.96 -3.69 16.36
CA GLY A 122 1.89 -2.60 16.33
C GLY A 122 2.97 -2.69 15.28
N GLN A 123 2.89 -3.66 14.36
CA GLN A 123 3.80 -3.69 13.24
C GLN A 123 3.31 -2.78 12.14
N PRO A 124 4.21 -2.27 11.30
CA PRO A 124 3.75 -1.63 10.06
C PRO A 124 3.08 -2.66 9.18
N ILE A 125 2.40 -2.16 8.15
CA ILE A 125 1.78 -3.00 7.13
C ILE A 125 2.65 -3.01 5.88
N PHE A 126 2.67 -4.15 5.21
CA PHE A 126 3.33 -4.34 3.92
C PHE A 126 2.25 -4.62 2.88
N MET A 127 1.87 -3.59 2.14
CA MET A 127 0.80 -3.71 1.16
C MET A 127 1.34 -4.25 -0.16
N ALA A 128 0.65 -5.26 -0.68
CA ALA A 128 1.00 -5.81 -1.99
C ALA A 128 0.70 -4.78 -3.07
N ALA A 129 1.68 -4.55 -3.94
CA ALA A 129 1.53 -3.62 -5.05
C ALA A 129 1.95 -4.32 -6.33
N ILE A 130 1.42 -3.81 -7.45
CA ILE A 130 1.89 -4.21 -8.78
C ILE A 130 2.05 -2.93 -9.58
N GLY A 131 2.98 -2.93 -10.53
CA GLY A 131 3.22 -1.71 -11.27
C GLY A 131 4.09 -1.92 -12.48
N SER A 132 4.43 -0.79 -13.12
CA SER A 132 5.12 -0.77 -14.41
C SER A 132 6.63 -0.63 -14.22
N THR A 133 7.35 -1.71 -14.45
CA THR A 133 8.79 -1.64 -14.44
C THR A 133 9.29 -1.08 -15.77
N PRO A 134 10.45 -0.41 -15.77
CA PRO A 134 11.33 -0.10 -14.64
C PRO A 134 10.83 1.04 -13.76
N PHE A 135 10.79 0.77 -12.46
CA PHE A 135 10.25 1.75 -11.53
C PHE A 135 11.13 2.99 -11.43
N GLU A 136 12.42 2.85 -11.65
CA GLU A 136 13.33 3.95 -11.42
C GLU A 136 13.26 5.02 -12.48
N ARG A 137 12.44 4.85 -13.53
CA ARG A 137 12.35 5.91 -14.52
C ARG A 137 11.51 7.10 -14.06
N GLY A 138 10.75 6.96 -12.98
CA GLY A 138 9.98 8.09 -12.46
C GLY A 138 8.78 8.48 -13.32
N ASP A 139 8.15 7.52 -13.97
CA ASP A 139 7.00 7.77 -14.83
C ASP A 139 5.91 8.50 -14.08
N GLU A 140 5.20 9.37 -14.79
CA GLU A 140 4.14 10.17 -14.19
C GLU A 140 2.75 9.79 -14.68
N ALA A 141 2.62 8.63 -15.34
CA ALA A 141 1.34 8.05 -15.69
C ALA A 141 1.24 6.56 -15.39
N GLU A 142 2.31 5.78 -15.61
CA GLU A 142 2.28 4.34 -15.38
C GLU A 142 3.18 4.06 -14.21
N GLY A 143 2.58 4.00 -13.01
CA GLY A 143 3.30 3.77 -11.78
C GLY A 143 2.90 2.46 -11.13
N PHE A 144 2.34 2.49 -9.92
CA PHE A 144 1.93 1.28 -9.23
C PHE A 144 0.50 1.41 -8.75
N LEU A 145 -0.09 0.24 -8.45
CA LEU A 145 -1.40 0.11 -7.84
C LEU A 145 -1.25 -0.68 -6.56
N ILE A 146 -2.12 -0.38 -5.60
CA ILE A 146 -2.24 -1.20 -4.40
C ILE A 146 -3.26 -2.32 -4.69
N VAL A 147 -2.85 -3.56 -4.44
CA VAL A 147 -3.74 -4.70 -4.63
C VAL A 147 -4.75 -4.72 -3.50
N THR A 148 -6.01 -5.01 -3.82
CA THR A 148 -7.08 -4.98 -2.83
C THR A 148 -7.71 -6.35 -2.68
N ALA A 149 -8.44 -6.51 -1.58
CA ALA A 149 -9.19 -7.71 -1.30
C ALA A 149 -10.51 -7.30 -0.67
N ALA A 150 -11.40 -8.27 -0.51
CA ALA A 150 -12.69 -7.98 0.12
C ALA A 150 -12.50 -7.77 1.62
N ALA A 151 -13.17 -6.75 2.16
CA ALA A 151 -13.16 -6.55 3.60
C ALA A 151 -13.79 -7.75 4.30
N ASP A 152 -13.23 -8.11 5.44
CA ASP A 152 -13.67 -9.25 6.24
C ASP A 152 -13.97 -8.81 7.67
N GLN A 153 -14.76 -9.62 8.36
CA GLN A 153 -15.08 -9.41 9.79
C GLN A 153 -15.55 -7.96 10.00
N GLY A 154 -15.01 -7.23 10.98
CA GLY A 154 -15.51 -5.91 11.34
C GLY A 154 -15.18 -4.80 10.36
N LEU A 155 -14.24 -5.02 9.44
CA LEU A 155 -13.90 -3.96 8.49
C LEU A 155 -15.06 -3.65 7.55
N VAL A 156 -16.00 -4.58 7.38
CA VAL A 156 -17.12 -4.34 6.48
C VAL A 156 -18.01 -3.22 7.00
N ASP A 157 -17.92 -2.92 8.30
CA ASP A 157 -18.62 -1.76 8.87
C ASP A 157 -18.10 -0.45 8.31
N ILE A 158 -16.89 -0.43 7.76
CA ILE A 158 -16.23 0.80 7.28
C ILE A 158 -16.28 0.90 5.76
N HIS A 159 -15.97 -0.18 5.04
CA HIS A 159 -15.92 -0.20 3.59
C HIS A 159 -15.82 -1.65 3.13
N ASP A 160 -16.30 -1.92 1.90
CA ASP A 160 -16.34 -3.31 1.45
C ASP A 160 -15.01 -3.81 0.89
N ARG A 161 -14.02 -2.94 0.77
CA ARG A 161 -12.73 -3.30 0.22
C ARG A 161 -11.66 -2.89 1.21
N ARG A 162 -10.46 -3.44 1.03
CA ARG A 162 -9.31 -3.17 1.87
C ARG A 162 -8.06 -3.50 1.08
N PRO A 163 -6.92 -2.96 1.49
CA PRO A 163 -5.67 -3.36 0.84
C PRO A 163 -5.32 -4.80 1.18
N LEU A 164 -4.67 -5.47 0.24
CA LEU A 164 -4.07 -6.77 0.48
C LEU A 164 -2.77 -6.52 1.25
N VAL A 165 -2.77 -6.88 2.53
CA VAL A 165 -1.63 -6.70 3.42
C VAL A 165 -1.01 -8.08 3.58
N LEU A 166 0.31 -8.15 3.42
CA LEU A 166 1.05 -9.38 3.54
C LEU A 166 1.88 -9.38 4.82
N SER A 167 2.07 -10.57 5.41
CA SER A 167 3.05 -10.71 6.47
C SER A 167 4.43 -10.28 5.97
N PRO A 168 5.33 -9.91 6.88
CA PRO A 168 6.71 -9.61 6.45
C PRO A 168 7.33 -10.73 5.61
N GLU A 169 7.16 -11.97 6.05
CA GLU A 169 7.75 -13.10 5.33
C GLU A 169 7.15 -13.22 3.93
N ALA A 170 5.82 -13.09 3.83
CA ALA A 170 5.17 -13.17 2.54
C ALA A 170 5.53 -11.99 1.66
N ALA A 171 5.68 -10.80 2.25
CA ALA A 171 6.07 -9.62 1.49
C ALA A 171 7.44 -9.82 0.86
N ARG A 172 8.37 -10.42 1.60
CA ARG A 172 9.69 -10.68 1.05
C ARG A 172 9.60 -11.66 -0.13
N GLU A 173 8.78 -12.70 -0.02
CA GLU A 173 8.66 -13.66 -1.12
C GLU A 173 7.98 -13.04 -2.34
N TRP A 174 6.93 -12.26 -2.10
CA TRP A 174 6.20 -11.58 -3.16
C TRP A 174 7.12 -10.79 -4.09
N MET A 175 8.14 -10.14 -3.55
CA MET A 175 9.02 -9.29 -4.35
C MET A 175 10.02 -10.06 -5.21
N ARG A 176 10.31 -11.31 -4.87
CA ARG A 176 11.35 -12.04 -5.58
C ARG A 176 11.04 -12.17 -7.07
N GLN A 177 12.06 -11.88 -7.89
CA GLN A 177 11.87 -11.94 -9.34
C GLN A 177 11.80 -13.39 -9.83
N GLU A 178 12.39 -14.32 -9.08
CA GLU A 178 12.43 -15.70 -9.50
C GLU A 178 11.07 -16.40 -9.43
N ILE A 179 10.10 -15.88 -8.69
CA ILE A 179 8.86 -16.64 -8.52
C ILE A 179 7.85 -16.24 -9.60
N SER A 180 7.10 -17.25 -10.05
CA SER A 180 6.11 -17.09 -11.10
C SER A 180 4.88 -16.33 -10.62
N GLY A 181 4.09 -15.88 -11.59
CA GLY A 181 2.78 -15.32 -11.28
C GLY A 181 1.89 -16.29 -10.52
N LYS A 182 1.95 -17.59 -10.86
CA LYS A 182 1.18 -18.58 -10.13
C LYS A 182 1.63 -18.68 -8.68
N GLU A 183 2.95 -18.70 -8.46
CA GLU A 183 3.49 -18.69 -7.09
C GLU A 183 3.10 -17.39 -6.37
N ALA A 184 3.08 -16.27 -7.09
CA ALA A 184 2.69 -15.02 -6.45
C ALA A 184 1.23 -15.09 -6.03
N SER A 185 0.39 -15.75 -6.83
CA SER A 185 -1.00 -15.93 -6.44
C SER A 185 -1.12 -16.78 -5.18
N GLU A 186 -0.23 -17.77 -5.01
CA GLU A 186 -0.25 -18.58 -3.81
C GLU A 186 0.17 -17.75 -2.60
N ILE A 187 1.17 -16.89 -2.78
CA ILE A 187 1.63 -16.03 -1.71
C ILE A 187 0.54 -15.05 -1.30
N ALA A 188 -0.16 -14.49 -2.28
CA ALA A 188 -1.23 -13.54 -1.99
C ALA A 188 -2.34 -14.19 -1.20
N ALA A 189 -2.55 -15.49 -1.40
CA ALA A 189 -3.56 -16.23 -0.64
C ALA A 189 -3.04 -16.58 0.75
N SER A 190 -1.85 -17.16 0.82
CA SER A 190 -1.35 -17.66 2.11
C SER A 190 -0.83 -16.55 3.02
N GLY A 191 -0.37 -15.44 2.46
CA GLY A 191 0.24 -14.38 3.24
C GLY A 191 -0.66 -13.24 3.63
N CYS A 192 -1.93 -13.26 3.19
CA CYS A 192 -2.84 -12.17 3.48
C CYS A 192 -3.12 -12.10 4.98
N VAL A 193 -3.08 -10.89 5.52
CA VAL A 193 -3.30 -10.67 6.94
C VAL A 193 -4.80 -10.45 7.16
N PRO A 194 -5.47 -11.26 7.97
CA PRO A 194 -6.92 -11.16 8.10
C PRO A 194 -7.36 -9.97 8.95
N ALA A 195 -8.64 -9.64 8.80
CA ALA A 195 -9.18 -8.43 9.42
C ALA A 195 -9.07 -8.46 10.94
N ASN A 196 -9.10 -9.65 11.55
CA ASN A 196 -9.04 -9.71 13.00
C ASN A 196 -7.71 -9.23 13.55
N GLN A 197 -6.71 -9.03 12.69
CA GLN A 197 -5.41 -8.52 13.11
C GLN A 197 -5.35 -7.00 13.12
N PHE A 198 -6.42 -6.33 12.70
CA PHE A 198 -6.45 -4.88 12.62
C PHE A 198 -7.34 -4.26 13.69
N SER A 199 -6.96 -3.07 14.10
CA SER A 199 -7.74 -2.17 14.91
C SER A 199 -7.99 -0.91 14.12
N TRP A 200 -8.99 -0.13 14.56
CA TRP A 200 -9.29 1.11 13.86
C TRP A 200 -10.06 2.05 14.76
N HIS A 201 -10.02 3.34 14.41
CA HIS A 201 -10.73 4.36 15.16
C HIS A 201 -11.01 5.56 14.25
N PRO A 202 -12.02 6.35 14.57
CA PRO A 202 -12.23 7.60 13.83
C PRO A 202 -11.08 8.56 14.03
N VAL A 203 -10.79 9.36 12.99
CA VAL A 203 -9.78 10.41 13.07
C VAL A 203 -10.41 11.73 12.62
N SER A 204 -9.62 12.80 12.69
CA SER A 204 -10.07 14.13 12.33
C SER A 204 -10.42 14.20 10.85
N ARG A 205 -11.44 15.01 10.55
CA ARG A 205 -11.77 15.22 9.15
C ARG A 205 -10.66 15.93 8.38
N ALA A 206 -9.69 16.51 9.06
CA ALA A 206 -8.57 17.21 8.41
C ALA A 206 -7.80 16.33 7.41
N VAL A 207 -7.81 14.99 7.58
CA VAL A 207 -7.08 14.13 6.65
C VAL A 207 -7.66 14.24 5.25
N GLY A 208 -8.90 14.70 5.12
CA GLY A 208 -9.48 14.83 3.79
C GLY A 208 -8.69 15.77 2.90
N ASN A 209 -8.02 16.77 3.51
CA ASN A 209 -7.25 17.79 2.78
C ASN A 209 -5.79 17.36 2.74
N VAL A 210 -5.29 17.07 1.53
CA VAL A 210 -3.92 16.56 1.38
C VAL A 210 -2.85 17.58 1.74
N LYS A 211 -3.18 18.85 1.95
CA LYS A 211 -2.18 19.78 2.48
C LYS A 211 -1.72 19.34 3.85
N ASN A 212 -2.54 18.57 4.56
CA ASN A 212 -2.26 18.20 5.93
C ASN A 212 -1.49 16.89 5.95
N GLN A 213 -0.35 16.89 6.64
CA GLN A 213 0.52 15.74 6.64
C GLN A 213 1.06 15.37 8.01
N GLY A 214 0.53 15.97 9.07
CA GLY A 214 1.10 15.82 10.39
C GLY A 214 0.56 14.62 11.17
N ALA A 215 1.28 14.31 12.26
CA ALA A 215 1.04 13.13 13.06
C ALA A 215 -0.34 13.14 13.69
N GLU A 216 -0.93 14.32 13.87
CA GLU A 216 -2.25 14.36 14.49
C GLU A 216 -3.29 13.66 13.65
N LEU A 217 -3.02 13.45 12.36
CA LEU A 217 -4.03 12.92 11.47
C LEU A 217 -4.39 11.47 11.77
N ILE A 218 -3.54 10.72 12.51
CA ILE A 218 -3.88 9.34 12.84
C ILE A 218 -4.38 9.18 14.28
N GLN A 219 -4.54 10.31 15.04
CA GLN A 219 -4.97 10.22 16.42
C GLN A 219 -6.48 9.94 16.52
N PRO A 220 -6.91 9.13 17.47
CA PRO A 220 -8.34 8.89 17.65
C PRO A 220 -9.09 10.15 18.08
N VAL A 221 -10.31 10.31 17.57
CA VAL A 221 -11.18 11.43 17.93
C VAL A 221 -12.56 10.91 18.28
N LEU A 222 -13.34 11.76 18.95
CA LEU A 222 -14.78 11.55 19.08
C LEU A 222 -15.50 12.02 17.82
N GLU A 223 -16.32 11.15 17.25
CA GLU A 223 -17.10 11.54 16.08
C GLU A 223 -18.00 12.73 16.39
N VAL A 224 -18.50 12.86 17.63
CA VAL A 224 -19.45 13.92 17.94
C VAL A 224 -18.85 15.29 17.72
N LEU A 225 -17.54 15.41 17.74
CA LEU A 225 -16.93 16.71 17.55
C LEU A 225 -16.64 17.00 16.08
N PHE A 226 -17.15 16.18 15.17
CA PHE A 226 -16.97 16.35 13.73
C PHE A 226 -18.29 16.13 12.98
O3P PDI B 4 -10.91 -2.94 -4.80
P PDI B 4 -11.79 -2.06 -5.74
O2P PDI B 4 -12.94 -2.95 -6.35
OA PDI B 4 -12.36 -0.80 -4.98
CA PDI B 4 -11.60 0.13 -4.10
CB PDI B 4 -12.36 1.46 -3.73
CG PDI B 4 -12.16 2.51 -4.87
OG PDI B 4 -13.48 3.19 -4.91
HOP3 PDI B 4 -10.42 -2.73 -4.14
HOP2 PDI B 4 -13.78 -2.78 -6.43
HA1 PDI B 4 -11.39 -0.38 -3.31
HA2 PDI B 4 -10.79 0.32 -4.60
HB1 PDI B 4 -12.04 1.84 -2.89
HB2 PDI B 4 -13.31 1.32 -3.60
HG1 PDI B 4 -11.50 3.21 -4.69
C1 BTB C . 23.98 3.26 9.51
O1 BTB C . 23.92 3.21 10.95
C2 BTB C . 24.26 1.83 9.00
C3 BTB C . 25.72 1.52 9.36
O3 BTB C . 26.55 2.49 8.67
C4 BTB C . 23.98 1.76 7.48
O4 BTB C . 24.33 0.43 6.96
N BTB C . 23.31 0.97 9.75
C5 BTB C . 21.88 1.30 9.46
C6 BTB C . 21.02 1.53 10.73
O6 BTB C . 21.07 0.32 11.52
C7 BTB C . 23.60 -0.49 9.58
C8 BTB C . 23.74 -1.23 10.95
O8 BTB C . 24.87 -0.62 11.65
H11 BTB C . 23.14 3.62 9.19
H12 BTB C . 24.67 3.89 9.27
HO1 BTB C . 23.12 3.44 11.15
H31 BTB C . 25.99 0.62 9.09
H32 BTB C . 25.89 1.58 10.31
HO3 BTB C . 27.31 2.45 9.04
H41 BTB C . 24.45 2.46 7.01
H42 BTB C . 23.06 1.98 7.29
HO4 BTB C . 23.64 0.21 6.53
H51 BTB C . 21.46 0.59 8.94
H52 BTB C . 21.81 2.08 8.90
H61 BTB C . 20.09 1.71 10.51
H62 BTB C . 21.35 2.26 11.27
HO6 BTB C . 21.55 0.52 12.20
H71 BTB C . 22.92 -0.95 9.06
H72 BTB C . 24.41 -0.66 9.07
H81 BTB C . 22.95 -1.12 11.51
H82 BTB C . 23.92 -2.17 10.85
HO8 BTB C . 25.42 -0.43 11.03
#